data_7ZOZ
#
_entry.id   7ZOZ
#
_cell.length_a   216.534
_cell.length_b   60.525
_cell.length_c   53.373
_cell.angle_alpha   90.000
_cell.angle_beta   100.820
_cell.angle_gamma   90.000
#
_symmetry.space_group_name_H-M   'C 1 2 1'
#
loop_
_entity.id
_entity.type
_entity.pdbx_description
1 polymer 'Sialic acid-binding Ig-like lectin 15'
2 polymer 'Anti-Siglec 15 Fab HC'
3 polymer 'Anti-Siglec 15 Fab LC'
4 water water
#
loop_
_entity_poly.entity_id
_entity_poly.type
_entity_poly.pdbx_seq_one_letter_code
_entity_poly.pdbx_strand_id
1 'polypeptide(L)'
;FVRTKIDTTENLLNTEVHSSPAQRWSMQVPPEVSAEAGDAAVLPCTFTHPHRHYDGPLTAIWRAGEPYAGPQVFRCAAAR
GSELCQTALSLHGRFRLLGNPRRNDLSLRVERLALADDRRYFCRVEFAGDVHDRYESRHGVRLHVTAAPRIVNISVLPSP
AHAFRALCTAEGEPPPALAWSGPALGNSLAAVRSPREGHGHLVTAELPALTHDGRYTCTAANSLGRSEASVYLFRFHGAS
GASTVALLLGALGFKALLLLGVLAARAARRRPEHLDTPDTPPRSQAQESNYENLSQMNPRSPPATMCSP
;
A
2 'polypeptide(L)'
;QVQLQQPGAELVKPGASVKMSCKASGYTFTSYWITWVIQRPGQGLEWIGDIYCGSDTMHYNEKFKNKATLTVDTSSSTAY
MQLSSLTSEDSAVYYCARWWDYGSSYDYFDYWGQGTTLTVSSASTKGPSVFPLAPSSKSTSGGTAALGCLVKDYFPEPVT
VSWNSGALTSGVHTFPAVLQSSGLYSLSSVVTVPSSSLGTQTYICNVNHKPSNTKVDKRVEPKSC
;
H
3 'polypeptide(L)'
;DIKMTQSPSSMYASLGERVTITCKASQDINSYLSWFQQKPGKSPKTLIYRANRLVDGVPSRFSGSGSGQDYSLTISSLEY
EDMGIYYCLQYDEFPYTFGGGTKLEIKRTVAAPSVFIFPPSDEQLKSGTASVVCLLNNFYPREAKVQWKVDNALQSGNSQ
ESVTEQDSKDSTYSLSSTLTLSKADYEKHKVYACEVTHQGLSSPVTKSFNRGEC
;
L
#
# COMPACT_ATOMS: atom_id res chain seq x y z
N GLN A 23 -32.67 4.89 -11.41
CA GLN A 23 -31.98 5.93 -10.66
C GLN A 23 -30.47 5.83 -10.81
N ARG A 24 -29.93 4.61 -10.67
CA ARG A 24 -28.50 4.37 -10.79
C ARG A 24 -28.20 3.46 -11.97
N TRP A 25 -27.07 3.71 -12.63
CA TRP A 25 -26.55 2.75 -13.61
C TRP A 25 -26.05 1.51 -12.90
N SER A 26 -26.44 0.34 -13.40
CA SER A 26 -25.95 -0.95 -12.92
C SER A 26 -26.27 -1.99 -13.98
N MET A 27 -25.62 -3.15 -13.86
CA MET A 27 -25.78 -4.21 -14.86
C MET A 27 -25.75 -5.57 -14.19
N GLN A 28 -26.61 -6.46 -14.68
CA GLN A 28 -26.75 -7.82 -14.19
C GLN A 28 -26.27 -8.78 -15.29
N VAL A 29 -25.17 -9.48 -15.02
CA VAL A 29 -24.56 -10.42 -15.96
C VAL A 29 -24.02 -11.62 -15.19
N PRO A 30 -24.37 -12.85 -15.55
CA PRO A 30 -23.82 -14.01 -14.84
C PRO A 30 -22.34 -14.17 -15.14
N PRO A 31 -21.58 -14.77 -14.23
CA PRO A 31 -20.14 -14.95 -14.49
C PRO A 31 -19.84 -16.08 -15.47
N GLU A 32 -20.72 -17.05 -15.63
CA GLU A 32 -20.41 -18.26 -16.38
C GLU A 32 -21.62 -18.70 -17.19
N VAL A 33 -21.38 -19.07 -18.46
CA VAL A 33 -22.38 -19.74 -19.30
C VAL A 33 -21.66 -20.86 -20.05
N SER A 34 -22.27 -22.04 -20.08
CA SER A 34 -21.69 -23.17 -20.79
C SER A 34 -22.65 -23.69 -21.84
N ALA A 35 -22.07 -24.19 -22.93
CA ALA A 35 -22.86 -24.68 -24.05
C ALA A 35 -21.97 -25.55 -24.93
N GLU A 36 -22.61 -26.41 -25.70
CA GLU A 36 -21.91 -27.33 -26.58
C GLU A 36 -21.65 -26.69 -27.95
N ALA A 37 -20.47 -26.93 -28.49
CA ALA A 37 -20.11 -26.43 -29.80
C ALA A 37 -21.14 -26.86 -30.83
N GLY A 38 -21.41 -25.98 -31.79
CA GLY A 38 -22.47 -26.20 -32.75
C GLY A 38 -23.84 -25.75 -32.29
N ASP A 39 -24.05 -25.56 -30.99
CA ASP A 39 -25.34 -25.13 -30.47
C ASP A 39 -25.33 -23.61 -30.26
N ALA A 40 -26.37 -23.13 -29.58
CA ALA A 40 -26.55 -21.70 -29.32
C ALA A 40 -26.50 -21.44 -27.82
N ALA A 41 -25.86 -20.33 -27.45
CA ALA A 41 -25.80 -19.92 -26.06
C ALA A 41 -26.46 -18.56 -25.91
N VAL A 42 -26.94 -18.28 -24.70
CA VAL A 42 -27.51 -16.99 -24.35
C VAL A 42 -26.63 -16.35 -23.29
N LEU A 43 -26.17 -15.14 -23.57
CA LEU A 43 -25.43 -14.36 -22.58
C LEU A 43 -26.39 -13.32 -22.03
N PRO A 44 -26.94 -13.52 -20.84
CA PRO A 44 -27.94 -12.58 -20.32
C PRO A 44 -27.28 -11.27 -19.86
N CYS A 45 -28.03 -10.19 -19.99
CA CYS A 45 -27.57 -8.88 -19.54
C CYS A 45 -28.77 -7.98 -19.36
N THR A 46 -28.94 -7.47 -18.15
CA THR A 46 -29.95 -6.44 -17.88
C THR A 46 -29.26 -5.27 -17.20
N PHE A 47 -29.92 -4.12 -17.22
CA PHE A 47 -29.30 -2.92 -16.69
C PHE A 47 -30.36 -1.99 -16.13
N THR A 48 -29.98 -1.24 -15.10
CA THR A 48 -30.76 -0.13 -14.57
C THR A 48 -30.09 1.17 -14.98
N HIS A 49 -30.89 2.24 -15.06
CA HIS A 49 -30.35 3.50 -15.57
C HIS A 49 -31.17 4.65 -15.03
N PRO A 50 -30.57 5.86 -14.93
CA PRO A 50 -31.39 7.06 -14.74
C PRO A 50 -32.18 7.41 -15.99
N HIS A 51 -33.01 8.45 -15.92
CA HIS A 51 -33.97 8.76 -16.99
C HIS A 51 -34.83 7.54 -17.29
N ARG A 52 -35.61 7.17 -16.27
CA ARG A 52 -36.24 5.85 -16.21
C ARG A 52 -37.20 5.61 -17.37
N HIS A 53 -37.59 6.67 -18.09
CA HIS A 53 -38.43 6.51 -19.27
C HIS A 53 -37.71 7.07 -20.49
N TYR A 54 -36.44 6.73 -20.64
CA TYR A 54 -35.64 7.18 -21.77
C TYR A 54 -36.09 6.47 -23.04
N ASP A 55 -36.47 7.26 -24.05
CA ASP A 55 -36.83 6.74 -25.37
C ASP A 55 -35.98 7.36 -26.47
N GLY A 56 -34.78 7.86 -26.11
CA GLY A 56 -33.91 8.45 -27.09
C GLY A 56 -33.10 7.42 -27.84
N PRO A 57 -32.20 7.90 -28.69
CA PRO A 57 -31.35 6.98 -29.47
C PRO A 57 -30.49 6.14 -28.54
N LEU A 58 -30.52 4.83 -28.78
CA LEU A 58 -29.83 3.85 -27.95
C LEU A 58 -28.88 3.03 -28.81
N THR A 59 -27.74 2.66 -28.22
CA THR A 59 -26.77 1.77 -28.84
C THR A 59 -26.45 0.66 -27.86
N ALA A 60 -26.54 -0.59 -28.33
CA ALA A 60 -26.15 -1.77 -27.55
C ALA A 60 -24.92 -2.42 -28.16
N ILE A 61 -23.92 -2.72 -27.32
CA ILE A 61 -22.64 -3.25 -27.76
C ILE A 61 -22.27 -4.46 -26.89
N TRP A 62 -21.81 -5.54 -27.53
CA TRP A 62 -21.11 -6.60 -26.82
C TRP A 62 -19.69 -6.70 -27.36
N ARG A 63 -18.72 -6.82 -26.46
CA ARG A 63 -17.33 -7.01 -26.87
C ARG A 63 -16.78 -8.25 -26.16
N ALA A 64 -15.62 -8.71 -26.62
CA ALA A 64 -15.01 -9.91 -26.08
C ALA A 64 -13.61 -9.63 -25.59
N GLY A 65 -13.10 -10.55 -24.78
CA GLY A 65 -11.70 -10.53 -24.41
C GLY A 65 -11.42 -9.68 -23.19
N GLU A 66 -11.55 -8.36 -23.34
CA GLU A 66 -11.23 -7.40 -22.30
C GLU A 66 -12.31 -6.33 -22.25
N PRO A 67 -12.72 -5.92 -21.07
CA PRO A 67 -13.67 -4.79 -20.97
C PRO A 67 -13.02 -3.52 -21.50
N TYR A 68 -13.84 -2.70 -22.17
CA TYR A 68 -13.51 -1.38 -22.68
C TYR A 68 -12.52 -1.40 -23.84
N ALA A 69 -11.75 -2.47 -23.95
CA ALA A 69 -10.65 -2.49 -24.91
C ALA A 69 -10.73 -3.64 -25.88
N GLY A 70 -11.51 -4.67 -25.59
CA GLY A 70 -11.65 -5.78 -26.51
C GLY A 70 -12.42 -5.41 -27.75
N PRO A 71 -12.28 -6.25 -28.77
CA PRO A 71 -13.03 -6.02 -30.02
C PRO A 71 -14.52 -6.25 -29.81
N GLN A 72 -15.32 -5.40 -30.42
CA GLN A 72 -16.76 -5.62 -30.43
C GLN A 72 -17.10 -6.86 -31.26
N VAL A 73 -18.05 -7.66 -30.76
CA VAL A 73 -18.62 -8.76 -31.53
C VAL A 73 -20.04 -8.45 -31.98
N PHE A 74 -20.72 -7.48 -31.37
CA PHE A 74 -22.07 -7.16 -31.77
C PHE A 74 -22.32 -5.69 -31.46
N ARG A 75 -23.05 -5.03 -32.36
CA ARG A 75 -23.45 -3.65 -32.12
C ARG A 75 -24.76 -3.40 -32.86
N CYS A 76 -25.73 -2.86 -32.14
CA CYS A 76 -26.97 -2.39 -32.74
C CYS A 76 -27.30 -1.01 -32.20
N ALA A 77 -28.18 -0.32 -32.92
CA ALA A 77 -28.62 0.99 -32.50
C ALA A 77 -30.10 1.14 -32.78
N ALA A 78 -30.80 1.76 -31.83
CA ALA A 78 -32.23 2.02 -31.92
C ALA A 78 -32.45 3.52 -32.03
N ALA A 79 -33.30 3.91 -32.98
CA ALA A 79 -33.61 5.33 -33.15
C ALA A 79 -34.55 5.81 -32.05
N ARG A 80 -34.55 7.13 -31.84
CA ARG A 80 -35.43 7.75 -30.87
C ARG A 80 -36.88 7.29 -31.07
N GLY A 81 -37.50 6.84 -29.99
CA GLY A 81 -38.86 6.37 -30.03
C GLY A 81 -39.07 5.03 -30.69
N SER A 82 -38.00 4.30 -31.00
CA SER A 82 -38.09 3.04 -31.72
C SER A 82 -37.60 1.91 -30.84
N GLU A 83 -38.29 0.77 -30.92
CA GLU A 83 -37.90 -0.43 -30.18
C GLU A 83 -37.02 -1.36 -31.00
N LEU A 84 -36.79 -1.04 -32.27
CA LEU A 84 -36.00 -1.89 -33.15
C LEU A 84 -34.55 -1.48 -33.06
N CYS A 85 -33.70 -2.39 -32.65
CA CYS A 85 -32.26 -2.16 -32.56
C CYS A 85 -31.65 -2.71 -33.84
N GLN A 86 -31.25 -1.82 -34.75
CA GLN A 86 -30.80 -2.23 -36.08
C GLN A 86 -29.34 -2.66 -36.03
N THR A 87 -29.04 -3.81 -36.62
CA THR A 87 -27.71 -4.40 -36.49
C THR A 87 -26.68 -3.55 -37.22
N ALA A 88 -25.64 -3.12 -36.50
CA ALA A 88 -24.51 -2.49 -37.16
C ALA A 88 -23.34 -3.44 -37.32
N LEU A 89 -23.28 -4.48 -36.48
CA LEU A 89 -22.15 -5.39 -36.44
C LEU A 89 -22.61 -6.69 -35.81
N SER A 90 -22.23 -7.82 -36.40
CA SER A 90 -22.49 -9.12 -35.79
C SER A 90 -21.44 -10.07 -36.34
N LEU A 91 -20.42 -10.35 -35.53
CA LEU A 91 -19.28 -11.14 -35.97
C LEU A 91 -19.74 -12.49 -36.51
N HIS A 92 -19.29 -12.80 -37.73
CA HIS A 92 -19.64 -14.02 -38.45
C HIS A 92 -21.14 -14.17 -38.63
N GLY A 93 -21.91 -13.11 -38.40
CA GLY A 93 -23.35 -13.21 -38.45
C GLY A 93 -23.97 -14.08 -37.37
N ARG A 94 -23.20 -14.48 -36.36
CA ARG A 94 -23.65 -15.46 -35.39
C ARG A 94 -24.04 -14.85 -34.05
N PHE A 95 -24.03 -13.53 -33.93
CA PHE A 95 -24.43 -12.83 -32.72
C PHE A 95 -25.72 -12.05 -32.99
N ARG A 96 -26.69 -12.19 -32.09
CA ARG A 96 -27.99 -11.54 -32.28
C ARG A 96 -28.55 -11.11 -30.94
N LEU A 97 -29.13 -9.91 -30.92
CA LEU A 97 -29.74 -9.39 -29.70
C LEU A 97 -31.07 -10.10 -29.44
N LEU A 98 -31.21 -10.66 -28.25
CA LEU A 98 -32.47 -11.23 -27.80
C LEU A 98 -33.28 -10.28 -26.91
N GLY A 99 -32.62 -9.54 -26.02
CA GLY A 99 -33.32 -8.63 -25.14
C GLY A 99 -33.81 -7.37 -25.86
N ASN A 100 -34.96 -6.90 -25.43
CA ASN A 100 -35.49 -5.60 -25.86
C ASN A 100 -34.84 -4.52 -25.03
N PRO A 101 -33.98 -3.69 -25.63
CA PRO A 101 -33.26 -2.68 -24.84
C PRO A 101 -34.16 -1.61 -24.24
N ARG A 102 -35.31 -1.34 -24.85
CA ARG A 102 -36.28 -0.43 -24.24
C ARG A 102 -36.91 -1.03 -22.99
N ARG A 103 -36.74 -2.33 -22.78
CA ARG A 103 -37.13 -3.00 -21.54
C ARG A 103 -35.92 -3.37 -20.68
N ASN A 104 -34.79 -2.68 -20.87
CA ASN A 104 -33.60 -2.83 -20.05
C ASN A 104 -33.00 -4.23 -20.16
N ASP A 105 -33.15 -4.87 -21.32
CA ASP A 105 -32.63 -6.21 -21.58
C ASP A 105 -31.72 -6.16 -22.78
N LEU A 106 -30.45 -6.51 -22.58
CA LEU A 106 -29.46 -6.54 -23.66
C LEU A 106 -28.95 -7.94 -23.92
N SER A 107 -29.72 -8.96 -23.56
CA SER A 107 -29.25 -10.34 -23.66
C SER A 107 -28.95 -10.72 -25.10
N LEU A 108 -27.88 -11.47 -25.27
CA LEU A 108 -27.30 -11.77 -26.58
C LEU A 108 -27.36 -13.25 -26.86
N ARG A 109 -27.73 -13.62 -28.08
CA ARG A 109 -27.69 -15.01 -28.50
C ARG A 109 -26.50 -15.23 -29.42
N VAL A 110 -25.69 -16.23 -29.09
CA VAL A 110 -24.60 -16.68 -29.93
C VAL A 110 -25.04 -17.98 -30.60
N GLU A 111 -25.01 -18.02 -31.93
CA GLU A 111 -25.45 -19.18 -32.68
C GLU A 111 -24.26 -20.01 -33.17
N ARG A 112 -24.53 -21.30 -33.39
CA ARG A 112 -23.60 -22.21 -34.05
C ARG A 112 -22.20 -22.09 -33.47
N LEU A 113 -22.12 -22.28 -32.15
CA LEU A 113 -20.91 -21.97 -31.41
C LEU A 113 -19.71 -22.75 -31.96
N ALA A 114 -18.56 -22.08 -32.00
CA ALA A 114 -17.28 -22.70 -32.28
C ALA A 114 -16.40 -22.63 -31.03
N LEU A 115 -15.40 -23.51 -31.00
CA LEU A 115 -14.47 -23.55 -29.86
C LEU A 115 -13.76 -22.21 -29.68
N ALA A 116 -13.55 -21.46 -30.77
CA ALA A 116 -12.93 -20.16 -30.66
C ALA A 116 -13.82 -19.14 -29.96
N ASP A 117 -15.13 -19.40 -29.90
CA ASP A 117 -16.03 -18.52 -29.16
C ASP A 117 -15.86 -18.63 -27.65
N ASP A 118 -15.11 -19.61 -27.14
CA ASP A 118 -14.90 -19.78 -25.71
C ASP A 118 -14.07 -18.60 -25.22
N ARG A 119 -14.74 -17.59 -24.68
CA ARG A 119 -14.10 -16.32 -24.34
C ARG A 119 -14.91 -15.65 -23.23
N ARG A 120 -14.41 -14.51 -22.78
CA ARG A 120 -15.14 -13.65 -21.86
C ARG A 120 -15.81 -12.53 -22.64
N TYR A 121 -17.07 -12.24 -22.32
CA TYR A 121 -17.83 -11.23 -23.04
C TYR A 121 -18.32 -10.13 -22.10
N PHE A 122 -18.48 -8.94 -22.66
CA PHE A 122 -18.79 -7.75 -21.87
C PHE A 122 -19.97 -7.00 -22.50
N CYS A 123 -20.91 -6.61 -21.66
CA CYS A 123 -22.17 -6.01 -22.10
C CYS A 123 -22.11 -4.49 -21.97
N ARG A 124 -22.60 -3.78 -22.99
CA ARG A 124 -22.45 -2.34 -23.02
C ARG A 124 -23.68 -1.68 -23.66
N VAL A 125 -24.11 -0.56 -23.05
CA VAL A 125 -25.20 0.24 -23.59
C VAL A 125 -24.79 1.71 -23.56
N GLU A 126 -25.28 2.46 -24.55
CA GLU A 126 -24.96 3.88 -24.68
C GLU A 126 -26.24 4.65 -24.99
N PHE A 127 -26.60 5.57 -24.09
CA PHE A 127 -27.65 6.54 -24.35
C PHE A 127 -27.06 7.74 -25.08
N ALA A 128 -27.95 8.51 -25.70
CA ALA A 128 -27.54 9.82 -26.19
C ALA A 128 -27.69 10.86 -25.10
N GLY A 129 -26.96 11.97 -25.26
CA GLY A 129 -26.94 12.99 -24.24
C GLY A 129 -25.57 13.17 -23.66
N ASP A 130 -25.47 13.17 -22.32
CA ASP A 130 -24.19 13.44 -21.70
C ASP A 130 -23.23 12.26 -21.87
N VAL A 131 -21.95 12.56 -21.64
CA VAL A 131 -20.89 11.57 -21.82
C VAL A 131 -21.03 10.41 -20.84
N HIS A 132 -21.64 10.65 -19.69
CA HIS A 132 -21.78 9.63 -18.64
C HIS A 132 -23.03 8.77 -18.82
N ASP A 133 -23.82 9.01 -19.86
CA ASP A 133 -24.97 8.16 -20.18
C ASP A 133 -24.52 6.98 -21.03
N ARG A 134 -23.68 6.14 -20.42
CA ARG A 134 -23.18 4.92 -21.04
C ARG A 134 -22.63 4.04 -19.94
N TYR A 135 -22.74 2.73 -20.12
CA TYR A 135 -22.32 1.80 -19.07
C TYR A 135 -21.93 0.47 -19.70
N GLU A 136 -20.82 -0.08 -19.20
CA GLU A 136 -20.30 -1.36 -19.66
C GLU A 136 -20.00 -2.22 -18.45
N SER A 137 -20.33 -3.51 -18.54
CA SER A 137 -20.08 -4.42 -17.43
C SER A 137 -18.60 -4.49 -17.11
N ARG A 138 -18.22 -4.06 -15.89
CA ARG A 138 -16.83 -4.10 -15.48
C ARG A 138 -16.35 -5.55 -15.36
N HIS A 139 -17.22 -6.46 -14.93
CA HIS A 139 -16.95 -7.88 -14.94
C HIS A 139 -17.84 -8.56 -15.97
N GLY A 140 -17.25 -9.48 -16.74
CA GLY A 140 -17.91 -10.08 -17.87
C GLY A 140 -18.33 -11.52 -17.62
N VAL A 141 -18.98 -12.06 -18.64
CA VAL A 141 -19.46 -13.43 -18.61
C VAL A 141 -18.49 -14.30 -19.41
N ARG A 142 -18.03 -15.38 -18.79
CA ARG A 142 -17.21 -16.35 -19.47
C ARG A 142 -18.13 -17.35 -20.17
N LEU A 143 -17.92 -17.53 -21.46
CA LEU A 143 -18.66 -18.52 -22.23
C LEU A 143 -17.79 -19.75 -22.38
N HIS A 144 -18.28 -20.88 -21.88
CA HIS A 144 -17.59 -22.16 -22.02
C HIS A 144 -18.22 -22.94 -23.16
N VAL A 145 -17.40 -23.34 -24.12
CA VAL A 145 -17.86 -24.11 -25.27
C VAL A 145 -17.36 -25.54 -25.09
N THR A 146 -18.29 -26.46 -24.83
CA THR A 146 -17.97 -27.87 -24.69
C THR A 146 -17.97 -28.55 -26.05
N ALA A 147 -17.00 -29.44 -26.27
CA ALA A 147 -16.94 -30.22 -27.50
C ALA A 147 -17.70 -31.53 -27.33
N GLN B 1 9.45 -14.33 -13.03
CA GLN B 1 9.39 -13.75 -11.70
C GLN B 1 8.87 -12.29 -11.72
N VAL B 2 7.60 -12.12 -11.38
CA VAL B 2 6.93 -10.83 -11.53
C VAL B 2 7.54 -9.79 -10.62
N GLN B 3 7.85 -8.63 -11.18
CA GLN B 3 8.30 -7.49 -10.39
C GLN B 3 7.73 -6.20 -11.00
N LEU B 4 7.28 -5.30 -10.12
CA LEU B 4 6.91 -3.93 -10.47
C LEU B 4 7.83 -3.00 -9.69
N GLN B 5 8.72 -2.30 -10.39
CA GLN B 5 9.72 -1.47 -9.73
C GLN B 5 9.39 0.01 -9.91
N GLN B 6 9.19 0.70 -8.79
CA GLN B 6 8.97 2.12 -8.72
C GLN B 6 10.14 2.81 -8.02
N PRO B 7 10.52 4.01 -8.43
CA PRO B 7 11.53 4.75 -7.66
C PRO B 7 11.04 5.02 -6.25
N GLY B 8 11.95 4.88 -5.29
CA GLY B 8 11.58 5.06 -3.90
C GLY B 8 11.08 6.45 -3.56
N ALA B 9 11.56 7.47 -4.27
CA ALA B 9 11.26 8.83 -3.84
C ALA B 9 11.47 9.83 -4.96
N GLU B 10 10.70 10.92 -4.90
CA GLU B 10 10.81 12.01 -5.87
C GLU B 10 10.52 13.31 -5.16
N LEU B 11 11.39 14.29 -5.33
CA LEU B 11 11.23 15.64 -4.80
C LEU B 11 10.94 16.57 -5.97
N VAL B 12 9.79 17.24 -5.95
CA VAL B 12 9.36 18.08 -7.06
C VAL B 12 8.85 19.41 -6.51
N LYS B 13 9.11 20.49 -7.28
CA LYS B 13 8.71 21.83 -6.91
C LYS B 13 7.21 22.04 -7.11
N PRO B 14 6.59 22.88 -6.28
CA PRO B 14 5.18 23.20 -6.49
C PRO B 14 4.98 23.88 -7.84
N GLY B 15 3.83 23.64 -8.44
CA GLY B 15 3.55 24.12 -9.78
C GLY B 15 4.04 23.22 -10.89
N ALA B 16 5.06 22.39 -10.63
CA ALA B 16 5.64 21.57 -11.68
C ALA B 16 4.87 20.27 -11.87
N SER B 17 5.36 19.43 -12.77
CA SER B 17 4.79 18.13 -13.09
C SER B 17 5.79 17.05 -12.75
N VAL B 18 5.28 15.85 -12.46
CA VAL B 18 6.13 14.70 -12.20
C VAL B 18 5.58 13.53 -13.01
N LYS B 19 6.49 12.71 -13.51
CA LYS B 19 6.14 11.51 -14.28
C LYS B 19 6.64 10.30 -13.51
N MET B 20 5.74 9.60 -12.85
CA MET B 20 6.12 8.47 -12.01
C MET B 20 6.12 7.18 -12.81
N SER B 21 7.12 6.36 -12.60
CA SER B 21 7.34 5.17 -13.41
C SER B 21 7.07 3.91 -12.61
N CYS B 22 6.67 2.87 -13.33
CA CYS B 22 6.38 1.56 -12.76
C CYS B 22 6.90 0.56 -13.79
N LYS B 23 8.11 0.06 -13.56
CA LYS B 23 8.79 -0.80 -14.52
C LYS B 23 8.47 -2.26 -14.24
N ALA B 24 7.96 -2.96 -15.24
CA ALA B 24 7.57 -4.36 -15.10
C ALA B 24 8.67 -5.27 -15.64
N SER B 25 8.76 -6.45 -15.06
CA SER B 25 9.62 -7.48 -15.62
C SER B 25 9.09 -8.84 -15.15
N GLY B 26 9.53 -9.88 -15.85
CA GLY B 26 9.21 -11.24 -15.46
C GLY B 26 7.90 -11.77 -16.00
N TYR B 27 7.24 -11.05 -16.90
CA TYR B 27 6.00 -11.51 -17.50
C TYR B 27 5.74 -10.73 -18.78
N THR B 28 4.71 -11.15 -19.50
CA THR B 28 4.31 -10.47 -20.72
C THR B 28 3.56 -9.19 -20.38
N PHE B 29 4.24 -8.05 -20.56
CA PHE B 29 3.71 -6.78 -20.11
C PHE B 29 2.33 -6.49 -20.70
N THR B 30 2.18 -6.70 -22.01
CA THR B 30 0.99 -6.25 -22.72
C THR B 30 -0.25 -7.06 -22.38
N SER B 31 -0.14 -8.10 -21.56
CA SER B 31 -1.28 -8.97 -21.29
C SER B 31 -2.04 -8.61 -20.02
N TYR B 32 -1.66 -7.54 -19.31
CA TYR B 32 -2.21 -7.28 -17.98
C TYR B 32 -2.59 -5.80 -17.83
N TRP B 33 -3.49 -5.56 -16.88
CA TRP B 33 -3.90 -4.22 -16.53
C TRP B 33 -3.13 -3.78 -15.29
N ILE B 34 -2.80 -2.50 -15.23
CA ILE B 34 -2.11 -1.91 -14.08
C ILE B 34 -2.98 -0.79 -13.51
N THR B 35 -3.01 -0.71 -12.19
CA THR B 35 -3.78 0.29 -11.46
C THR B 35 -2.84 1.14 -10.61
N TRP B 36 -3.20 2.41 -10.45
CA TRP B 36 -2.48 3.35 -9.60
C TRP B 36 -3.35 3.74 -8.42
N VAL B 37 -2.72 3.84 -7.25
CA VAL B 37 -3.38 4.08 -5.96
C VAL B 37 -2.54 5.10 -5.18
N ILE B 38 -3.21 6.06 -4.55
CA ILE B 38 -2.54 7.07 -3.74
C ILE B 38 -2.76 6.73 -2.27
N GLN B 39 -1.73 6.94 -1.45
CA GLN B 39 -1.84 6.83 0.00
C GLN B 39 -1.19 8.05 0.64
N ARG B 40 -2.01 8.90 1.21
CA ARG B 40 -1.51 10.01 1.99
C ARG B 40 -1.17 9.52 3.39
N PRO B 41 0.00 9.89 3.93
CA PRO B 41 0.44 9.29 5.19
C PRO B 41 -0.56 9.58 6.32
N GLY B 42 -0.80 8.57 7.14
CA GLY B 42 -1.82 8.65 8.16
C GLY B 42 -3.23 8.44 7.66
N GLN B 43 -3.43 8.41 6.35
CA GLN B 43 -4.75 8.16 5.76
C GLN B 43 -4.73 6.84 5.02
N GLY B 44 -5.86 6.53 4.38
CA GLY B 44 -6.05 5.26 3.72
C GLY B 44 -5.67 5.32 2.26
N LEU B 45 -6.28 4.43 1.48
CA LEU B 45 -5.99 4.27 0.07
C LEU B 45 -7.10 4.87 -0.76
N GLU B 46 -6.75 5.34 -1.96
CA GLU B 46 -7.71 5.90 -2.89
C GLU B 46 -7.31 5.54 -4.31
N TRP B 47 -8.29 5.14 -5.12
CA TRP B 47 -8.01 4.70 -6.48
C TRP B 47 -7.80 5.88 -7.40
N ILE B 48 -6.74 5.84 -8.19
CA ILE B 48 -6.49 6.85 -9.21
C ILE B 48 -7.01 6.42 -10.58
N GLY B 49 -6.63 5.24 -11.05
CA GLY B 49 -7.07 4.81 -12.37
C GLY B 49 -6.51 3.46 -12.76
N ASP B 50 -7.09 2.90 -13.81
CA ASP B 50 -6.63 1.67 -14.44
C ASP B 50 -6.13 1.98 -15.85
N ILE B 51 -5.22 1.13 -16.33
CA ILE B 51 -4.77 1.21 -17.71
C ILE B 51 -4.47 -0.22 -18.17
N TYR B 52 -4.92 -0.56 -19.38
CA TYR B 52 -4.58 -1.83 -20.01
C TYR B 52 -3.24 -1.66 -20.75
N CYS B 53 -2.21 -2.37 -20.28
CA CYS B 53 -0.89 -2.23 -20.90
C CYS B 53 -0.83 -2.80 -22.30
N GLY B 54 -1.89 -3.46 -22.77
CA GLY B 54 -1.91 -3.96 -24.12
C GLY B 54 -2.55 -3.03 -25.13
N SER B 55 -3.26 -2.00 -24.67
CA SER B 55 -3.97 -1.13 -25.60
C SER B 55 -3.90 0.34 -25.24
N ASP B 56 -3.31 0.70 -24.11
CA ASP B 56 -3.32 2.07 -23.59
C ASP B 56 -4.73 2.55 -23.25
N THR B 57 -5.65 1.63 -22.99
CA THR B 57 -7.00 2.00 -22.58
C THR B 57 -7.03 2.32 -21.10
N MET B 58 -7.53 3.49 -20.73
CA MET B 58 -7.49 3.99 -19.36
C MET B 58 -8.89 4.27 -18.84
N HIS B 59 -9.06 4.07 -17.53
CA HIS B 59 -10.23 4.54 -16.82
C HIS B 59 -9.76 5.26 -15.57
N TYR B 60 -10.30 6.45 -15.32
CA TYR B 60 -9.83 7.35 -14.29
C TYR B 60 -10.90 7.58 -13.24
N ASN B 61 -10.45 7.73 -11.99
CA ASN B 61 -11.25 8.37 -10.97
C ASN B 61 -11.53 9.80 -11.41
N GLU B 62 -12.82 10.18 -11.45
CA GLU B 62 -13.17 11.52 -11.91
C GLU B 62 -12.45 12.59 -11.12
N LYS B 63 -12.24 12.34 -9.82
CA LYS B 63 -11.51 13.25 -8.94
C LYS B 63 -10.16 13.65 -9.54
N PHE B 64 -9.49 12.75 -10.25
CA PHE B 64 -8.15 12.99 -10.75
C PHE B 64 -8.11 13.33 -12.24
N LYS B 65 -9.26 13.61 -12.85
CA LYS B 65 -9.30 13.63 -14.32
C LYS B 65 -8.51 14.79 -14.90
N ASN B 66 -8.37 15.88 -14.15
CA ASN B 66 -7.53 16.99 -14.59
C ASN B 66 -6.16 16.98 -13.93
N LYS B 67 -5.85 15.99 -13.12
CA LYS B 67 -4.61 15.94 -12.35
C LYS B 67 -3.64 14.87 -12.83
N ALA B 68 -4.13 13.68 -13.10
CA ALA B 68 -3.30 12.53 -13.42
C ALA B 68 -3.50 12.11 -14.88
N THR B 69 -2.43 11.59 -15.48
CA THR B 69 -2.49 11.01 -16.82
C THR B 69 -1.75 9.69 -16.80
N LEU B 70 -2.42 8.62 -17.19
CA LEU B 70 -1.84 7.28 -17.23
C LEU B 70 -1.41 6.95 -18.66
N THR B 71 -0.15 6.54 -18.82
CA THR B 71 0.33 6.06 -20.10
C THR B 71 1.13 4.79 -19.88
N VAL B 72 1.38 4.06 -20.96
CA VAL B 72 2.32 2.95 -20.91
C VAL B 72 3.34 3.12 -22.02
N ASP B 73 4.54 2.56 -21.81
CA ASP B 73 5.59 2.48 -22.81
C ASP B 73 5.90 1.01 -23.00
N THR B 74 5.35 0.40 -24.05
CA THR B 74 5.54 -1.03 -24.22
C THR B 74 6.92 -1.39 -24.74
N SER B 75 7.70 -0.42 -25.23
CA SER B 75 9.06 -0.76 -25.62
C SER B 75 9.91 -1.06 -24.39
N SER B 76 9.65 -0.40 -23.28
CA SER B 76 10.40 -0.64 -22.05
C SER B 76 9.57 -1.29 -20.96
N SER B 77 8.36 -1.77 -21.28
CA SER B 77 7.46 -2.39 -20.32
C SER B 77 7.32 -1.55 -19.07
N THR B 78 7.02 -0.26 -19.27
CA THR B 78 6.92 0.68 -18.16
C THR B 78 5.58 1.38 -18.22
N ALA B 79 4.87 1.37 -17.11
CA ALA B 79 3.68 2.19 -16.93
C ALA B 79 4.08 3.51 -16.29
N TYR B 80 3.37 4.57 -16.66
CA TYR B 80 3.66 5.90 -16.16
C TYR B 80 2.41 6.56 -15.62
N MET B 81 2.59 7.39 -14.60
CA MET B 81 1.53 8.26 -14.10
C MET B 81 2.07 9.66 -13.95
N GLN B 82 1.53 10.58 -14.73
CA GLN B 82 1.97 11.97 -14.68
C GLN B 82 0.99 12.77 -13.83
N LEU B 83 1.52 13.59 -12.93
CA LEU B 83 0.71 14.46 -12.11
C LEU B 83 1.14 15.90 -12.36
N SER B 84 0.17 16.75 -12.68
CA SER B 84 0.44 18.12 -13.09
C SER B 84 0.08 19.10 -11.99
N SER B 85 0.63 20.31 -12.12
CA SER B 85 0.38 21.46 -11.23
C SER B 85 0.38 21.03 -9.75
N LEU B 86 1.53 20.51 -9.32
CA LEU B 86 1.64 19.90 -8.01
C LEU B 86 1.54 20.94 -6.90
N THR B 87 0.88 20.56 -5.81
CA THR B 87 0.86 21.34 -4.58
C THR B 87 1.24 20.42 -3.43
N SER B 88 1.35 21.02 -2.25
CA SER B 88 1.70 20.22 -1.07
C SER B 88 0.63 19.20 -0.74
N GLU B 89 -0.62 19.44 -1.17
CA GLU B 89 -1.64 18.43 -0.97
C GLU B 89 -1.39 17.17 -1.78
N ASP B 90 -0.48 17.21 -2.76
CA ASP B 90 -0.13 16.04 -3.56
C ASP B 90 0.99 15.21 -2.97
N SER B 91 1.69 15.69 -1.94
CA SER B 91 2.70 14.89 -1.28
C SER B 91 2.06 13.63 -0.71
N ALA B 92 2.57 12.46 -1.11
CA ALA B 92 1.91 11.20 -0.81
C ALA B 92 2.74 10.02 -1.29
N VAL B 93 2.30 8.80 -1.00
CA VAL B 93 2.86 7.61 -1.60
C VAL B 93 1.94 7.15 -2.73
N TYR B 94 2.53 6.84 -3.89
CA TYR B 94 1.77 6.38 -5.06
C TYR B 94 2.24 4.96 -5.40
N TYR B 95 1.29 4.01 -5.39
CA TYR B 95 1.53 2.63 -5.76
C TYR B 95 1.03 2.35 -7.16
N CYS B 96 1.77 1.52 -7.90
CA CYS B 96 1.20 0.79 -9.02
C CYS B 96 0.97 -0.65 -8.59
N ALA B 97 -0.09 -1.24 -9.13
CA ALA B 97 -0.45 -2.62 -8.81
C ALA B 97 -0.91 -3.29 -10.09
N ARG B 98 -0.66 -4.60 -10.17
CA ARG B 98 -1.09 -5.40 -11.31
C ARG B 98 -2.31 -6.23 -10.94
N TRP B 99 -3.26 -6.31 -11.87
CA TRP B 99 -4.43 -7.17 -11.77
C TRP B 99 -4.14 -8.55 -12.34
N TRP B 100 -4.65 -9.58 -11.67
CA TRP B 100 -4.75 -10.89 -12.29
C TRP B 100 -6.03 -10.95 -13.10
N ASP B 101 -5.90 -11.23 -14.40
CA ASP B 101 -7.02 -11.58 -15.26
C ASP B 101 -8.15 -10.55 -15.17
N TYR B 102 -7.78 -9.28 -15.28
CA TYR B 102 -8.73 -8.17 -15.21
C TYR B 102 -9.94 -8.43 -16.09
N GLY B 103 -11.14 -8.31 -15.52
CA GLY B 103 -12.38 -8.55 -16.23
C GLY B 103 -13.04 -9.88 -15.92
N SER B 104 -12.27 -10.88 -15.53
CA SER B 104 -12.87 -12.08 -14.98
C SER B 104 -13.58 -11.76 -13.68
N SER B 105 -14.68 -12.45 -13.42
CA SER B 105 -15.33 -12.35 -12.13
C SER B 105 -14.39 -12.71 -10.99
N TYR B 106 -13.28 -13.38 -11.30
CA TYR B 106 -12.29 -13.81 -10.32
C TYR B 106 -11.02 -12.97 -10.35
N ASP B 107 -11.08 -11.74 -10.88
CA ASP B 107 -9.87 -10.95 -10.94
C ASP B 107 -9.55 -10.34 -9.57
N TYR B 108 -8.29 -9.94 -9.41
CA TYR B 108 -7.82 -9.34 -8.15
C TYR B 108 -6.43 -8.76 -8.37
N PHE B 109 -5.96 -8.00 -7.39
CA PHE B 109 -4.62 -7.43 -7.42
C PHE B 109 -3.63 -8.50 -7.02
N ASP B 110 -2.77 -8.92 -7.96
CA ASP B 110 -1.82 -9.99 -7.63
C ASP B 110 -0.39 -9.52 -7.43
N TYR B 111 -0.11 -8.22 -7.61
CA TYR B 111 1.22 -7.71 -7.31
C TYR B 111 1.14 -6.21 -7.07
N TRP B 112 1.78 -5.76 -5.99
CA TRP B 112 1.91 -4.35 -5.67
C TRP B 112 3.36 -3.92 -5.84
N GLY B 113 3.56 -2.74 -6.45
CA GLY B 113 4.87 -2.12 -6.42
C GLY B 113 5.18 -1.57 -5.03
N GLN B 114 6.43 -1.14 -4.82
CA GLN B 114 6.86 -0.65 -3.51
C GLN B 114 6.39 0.77 -3.21
N GLY B 115 5.89 1.50 -4.20
CA GLY B 115 5.42 2.84 -3.95
C GLY B 115 6.50 3.90 -4.10
N THR B 116 6.11 5.06 -4.61
CA THR B 116 6.99 6.21 -4.71
C THR B 116 6.52 7.26 -3.70
N THR B 117 7.42 7.69 -2.82
CA THR B 117 7.13 8.79 -1.91
C THR B 117 7.40 10.10 -2.63
N LEU B 118 6.34 10.84 -2.96
CA LEU B 118 6.45 12.11 -3.63
C LEU B 118 6.37 13.23 -2.59
N THR B 119 7.40 14.07 -2.55
CA THR B 119 7.42 15.26 -1.70
C THR B 119 7.40 16.47 -2.60
N VAL B 120 6.37 17.30 -2.46
CA VAL B 120 6.26 18.55 -3.19
C VAL B 120 6.82 19.66 -2.31
N SER B 121 7.88 20.32 -2.78
CA SER B 121 8.53 21.33 -1.95
C SER B 121 9.47 22.16 -2.80
N SER B 122 9.65 23.42 -2.40
CA SER B 122 10.62 24.33 -3.02
C SER B 122 12.03 24.11 -2.51
N ALA B 123 12.20 23.35 -1.43
CA ALA B 123 13.50 23.25 -0.78
C ALA B 123 14.42 22.31 -1.55
N SER B 124 15.72 22.60 -1.49
CA SER B 124 16.75 21.75 -2.07
C SER B 124 16.84 20.43 -1.31
N THR B 125 17.21 19.38 -2.03
CA THR B 125 17.51 18.12 -1.37
C THR B 125 18.79 18.24 -0.57
N LYS B 126 18.89 17.44 0.50
CA LYS B 126 20.09 17.39 1.32
C LYS B 126 20.33 15.97 1.78
N GLY B 127 21.55 15.46 1.55
CA GLY B 127 21.90 14.11 1.94
C GLY B 127 22.35 14.01 3.39
N PRO B 128 22.22 12.83 3.97
CA PRO B 128 22.43 12.68 5.41
C PRO B 128 23.91 12.62 5.80
N SER B 129 24.16 12.99 7.05
CA SER B 129 25.37 12.55 7.74
C SER B 129 25.07 11.23 8.43
N VAL B 130 26.09 10.37 8.55
CA VAL B 130 25.92 9.06 9.16
C VAL B 130 26.96 8.89 10.25
N PHE B 131 26.50 8.60 11.47
CA PHE B 131 27.42 8.43 12.59
C PHE B 131 27.24 7.07 13.26
N PRO B 132 28.30 6.48 13.77
CA PRO B 132 28.17 5.18 14.44
C PRO B 132 27.62 5.32 15.84
N LEU B 133 26.79 4.36 16.23
CA LEU B 133 26.35 4.18 17.61
C LEU B 133 27.09 2.95 18.09
N ALA B 134 28.22 3.17 18.74
CA ALA B 134 29.19 2.10 19.03
C ALA B 134 28.69 1.22 20.18
N PRO B 135 28.81 -0.10 20.06
CA PRO B 135 28.47 -0.95 21.20
C PRO B 135 29.53 -0.80 22.30
N SER B 136 29.08 -1.00 23.54
CA SER B 136 29.96 -0.91 24.72
C SER B 136 29.27 -1.63 25.88
N SER B 137 29.89 -1.54 27.05
CA SER B 137 29.28 -2.11 28.25
C SER B 137 27.91 -1.50 28.52
N LYS B 138 27.71 -0.24 28.13
CA LYS B 138 26.43 0.44 28.33
C LYS B 138 25.39 0.04 27.30
N SER B 139 25.72 -0.81 26.33
CA SER B 139 24.75 -1.22 25.33
C SER B 139 24.65 -2.74 25.26
N THR B 140 24.95 -3.42 26.37
CA THR B 140 24.79 -4.87 26.44
C THR B 140 23.63 -5.24 27.36
N SER B 141 23.10 -6.44 27.13
CA SER B 141 21.97 -6.96 27.91
C SER B 141 22.00 -8.48 27.79
N GLY B 142 22.27 -9.16 28.90
CA GLY B 142 22.21 -10.62 28.91
C GLY B 142 22.97 -11.30 27.80
N GLY B 143 24.14 -10.80 27.46
CA GLY B 143 24.96 -11.46 26.46
C GLY B 143 24.73 -11.01 25.03
N THR B 144 23.81 -10.08 24.80
CA THR B 144 23.66 -9.44 23.52
C THR B 144 24.18 -8.00 23.61
N ALA B 145 24.49 -7.44 22.46
CA ALA B 145 24.96 -6.07 22.39
C ALA B 145 24.14 -5.33 21.34
N ALA B 146 23.82 -4.08 21.63
CA ALA B 146 23.14 -3.23 20.67
C ALA B 146 24.14 -2.26 20.06
N LEU B 147 23.96 -1.98 18.77
CA LEU B 147 24.78 -1.01 18.06
C LEU B 147 23.90 -0.45 16.95
N GLY B 148 24.37 0.61 16.29
CA GLY B 148 23.56 1.16 15.23
C GLY B 148 24.24 2.30 14.51
N CYS B 149 23.43 3.01 13.73
CA CYS B 149 23.85 4.15 12.96
C CYS B 149 22.84 5.27 13.17
N LEU B 150 23.34 6.48 13.31
CA LEU B 150 22.53 7.68 13.43
C LEU B 150 22.62 8.40 12.10
N VAL B 151 21.47 8.66 11.50
CA VAL B 151 21.39 9.22 10.16
C VAL B 151 20.74 10.59 10.29
N LYS B 152 21.52 11.64 10.05
CA LYS B 152 21.15 12.98 10.51
C LYS B 152 21.08 13.97 9.35
N ASP B 153 20.12 14.91 9.45
CA ASP B 153 20.09 16.12 8.62
C ASP B 153 19.92 15.83 7.14
N TYR B 154 18.86 15.13 6.76
CA TYR B 154 18.57 14.92 5.35
C TYR B 154 17.18 15.45 5.03
N PHE B 155 16.93 15.62 3.73
CA PHE B 155 15.65 16.07 3.20
C PHE B 155 15.59 15.71 1.73
N PRO B 156 14.47 15.17 1.24
CA PRO B 156 13.28 14.84 2.02
C PRO B 156 13.31 13.38 2.46
N GLU B 157 12.21 12.91 3.05
CA GLU B 157 12.04 11.49 3.29
C GLU B 157 11.80 10.77 1.96
N PRO B 158 12.11 9.46 1.88
CA PRO B 158 12.74 8.65 2.91
C PRO B 158 14.21 8.38 2.62
N VAL B 159 14.89 7.89 3.64
CA VAL B 159 16.17 7.23 3.48
C VAL B 159 15.92 5.74 3.73
N THR B 160 16.68 4.89 3.06
CA THR B 160 16.66 3.47 3.35
C THR B 160 17.97 3.07 4.03
N VAL B 161 17.87 2.18 5.02
CA VAL B 161 19.02 1.67 5.74
C VAL B 161 19.00 0.15 5.63
N SER B 162 20.11 -0.43 5.19
CA SER B 162 20.28 -1.86 5.38
C SER B 162 21.55 -2.09 6.17
N TRP B 163 21.75 -3.34 6.58
CA TRP B 163 22.92 -3.74 7.33
C TRP B 163 23.64 -4.87 6.59
N ASN B 164 24.94 -4.70 6.40
CA ASN B 164 25.77 -5.71 5.74
C ASN B 164 25.22 -6.07 4.37
N SER B 165 24.80 -5.03 3.63
CA SER B 165 24.29 -5.16 2.28
C SER B 165 23.05 -6.05 2.20
N GLY B 166 22.23 -6.05 3.24
CA GLY B 166 21.01 -6.83 3.24
C GLY B 166 21.13 -8.19 3.87
N ALA B 167 22.34 -8.61 4.26
CA ALA B 167 22.52 -9.93 4.86
C ALA B 167 22.04 -9.98 6.31
N LEU B 168 21.89 -8.84 6.96
CA LEU B 168 21.48 -8.74 8.36
C LEU B 168 20.12 -8.03 8.40
N THR B 169 19.07 -8.75 8.78
CA THR B 169 17.75 -8.15 8.87
C THR B 169 17.11 -8.42 10.22
N SER B 170 17.39 -9.58 10.80
CA SER B 170 16.78 -9.91 12.07
C SER B 170 17.35 -9.04 13.19
N GLY B 171 16.49 -8.63 14.10
CA GLY B 171 16.89 -7.82 15.22
C GLY B 171 17.24 -6.38 14.89
N VAL B 172 16.81 -5.89 13.74
CA VAL B 172 17.06 -4.51 13.33
C VAL B 172 15.84 -3.67 13.69
N HIS B 173 16.08 -2.49 14.27
CA HIS B 173 15.03 -1.47 14.41
C HIS B 173 15.52 -0.22 13.69
N THR B 174 14.83 0.14 12.60
CA THR B 174 15.09 1.41 11.92
C THR B 174 13.94 2.34 12.30
N PHE B 175 14.23 3.29 13.18
CA PHE B 175 13.18 4.10 13.78
C PHE B 175 12.55 5.05 12.77
N PRO B 176 11.26 5.32 12.91
CA PRO B 176 10.64 6.44 12.16
C PRO B 176 11.44 7.72 12.33
N ALA B 177 11.63 8.45 11.22
CA ALA B 177 12.41 9.67 11.27
C ALA B 177 11.69 10.72 12.12
N VAL B 178 12.47 11.57 12.81
CA VAL B 178 11.93 12.72 13.52
C VAL B 178 12.23 13.96 12.69
N LEU B 179 11.40 14.99 12.85
CA LEU B 179 11.61 16.25 12.18
C LEU B 179 12.36 17.16 13.13
N GLN B 180 13.56 17.59 12.71
CA GLN B 180 14.34 18.51 13.53
C GLN B 180 13.90 19.95 13.29
N SER B 181 14.26 20.83 14.25
CA SER B 181 13.80 22.21 14.17
C SER B 181 14.31 22.92 12.92
N SER B 182 15.36 22.41 12.28
CA SER B 182 15.82 22.95 11.01
C SER B 182 14.96 22.53 9.82
N GLY B 183 13.98 21.66 10.01
CA GLY B 183 13.23 21.15 8.88
C GLY B 183 13.87 19.97 8.20
N LEU B 184 15.04 19.53 8.69
CA LEU B 184 15.70 18.32 8.24
C LEU B 184 15.31 17.14 9.13
N TYR B 185 15.36 15.95 8.55
CA TYR B 185 14.99 14.72 9.23
C TYR B 185 16.21 14.03 9.81
N SER B 186 15.95 13.20 10.82
CA SER B 186 17.00 12.40 11.45
C SER B 186 16.37 11.09 11.90
N LEU B 187 17.13 10.00 11.81
CA LEU B 187 16.68 8.72 12.32
C LEU B 187 17.87 7.93 12.83
N SER B 188 17.57 6.89 13.61
CA SER B 188 18.56 5.90 14.01
C SER B 188 18.11 4.53 13.55
N SER B 189 19.08 3.69 13.21
CA SER B 189 18.84 2.28 12.94
C SER B 189 19.75 1.48 13.86
N VAL B 190 19.17 0.59 14.67
CA VAL B 190 19.93 -0.18 15.63
C VAL B 190 19.71 -1.66 15.38
N VAL B 191 20.66 -2.47 15.84
CA VAL B 191 20.56 -3.91 15.72
C VAL B 191 21.17 -4.51 16.96
N THR B 192 20.62 -5.63 17.41
CA THR B 192 21.15 -6.37 18.55
C THR B 192 21.84 -7.63 18.02
N VAL B 193 23.03 -7.90 18.53
CA VAL B 193 23.92 -8.95 18.03
C VAL B 193 24.50 -9.72 19.22
N PRO B 194 25.13 -10.88 19.01
CA PRO B 194 25.85 -11.51 20.12
C PRO B 194 26.99 -10.62 20.58
N SER B 195 27.14 -10.51 21.90
CA SER B 195 28.28 -9.81 22.47
C SER B 195 29.58 -10.43 21.99
N SER B 196 29.66 -11.76 22.01
CA SER B 196 30.88 -12.47 21.65
C SER B 196 31.27 -12.25 20.18
N SER B 197 30.32 -11.88 19.34
CA SER B 197 30.56 -11.70 17.91
C SER B 197 31.38 -10.46 17.59
N LEU B 198 31.53 -9.54 18.54
CA LEU B 198 31.99 -8.20 18.21
C LEU B 198 33.45 -8.18 17.76
N GLY B 199 34.25 -9.14 18.15
CA GLY B 199 35.61 -9.18 17.67
C GLY B 199 35.85 -9.92 16.36
N THR B 200 34.82 -10.50 15.74
CA THR B 200 35.02 -11.23 14.49
C THR B 200 34.06 -10.84 13.39
N GLN B 201 32.92 -10.27 13.71
CA GLN B 201 31.93 -9.89 12.73
C GLN B 201 32.07 -8.41 12.42
N THR B 202 31.66 -8.04 11.22
CA THR B 202 31.62 -6.64 10.83
C THR B 202 30.17 -6.20 10.71
N TYR B 203 29.90 -4.99 11.17
CA TYR B 203 28.56 -4.43 11.11
C TYR B 203 28.65 -3.10 10.37
N ILE B 204 28.09 -3.06 9.16
CA ILE B 204 28.13 -1.90 8.29
C ILE B 204 26.69 -1.53 7.94
N CYS B 205 26.28 -0.33 8.31
CA CYS B 205 24.98 0.16 7.86
C CYS B 205 25.14 0.79 6.48
N ASN B 206 24.19 0.50 5.60
CA ASN B 206 24.19 0.99 4.22
C ASN B 206 23.06 1.99 4.13
N VAL B 207 23.41 3.26 3.95
CA VAL B 207 22.43 4.33 3.95
C VAL B 207 22.28 4.84 2.53
N ASN B 208 21.05 4.87 2.05
CA ASN B 208 20.78 5.27 0.68
C ASN B 208 19.75 6.39 0.71
N HIS B 209 20.11 7.55 0.18
CA HIS B 209 19.17 8.67 0.06
C HIS B 209 19.09 9.03 -1.42
N LYS B 210 18.10 8.49 -2.11
CA LYS B 210 18.03 8.67 -3.56
C LYS B 210 17.88 10.14 -3.99
N PRO B 211 17.02 10.97 -3.37
CA PRO B 211 16.89 12.36 -3.86
C PRO B 211 18.19 13.15 -3.90
N SER B 212 19.15 12.86 -3.02
CA SER B 212 20.45 13.49 -3.09
C SER B 212 21.50 12.62 -3.74
N ASN B 213 21.12 11.42 -4.21
CA ASN B 213 22.07 10.43 -4.72
C ASN B 213 23.18 10.18 -3.70
N THR B 214 22.79 10.05 -2.43
CA THR B 214 23.75 9.81 -1.36
C THR B 214 23.75 8.32 -1.02
N LYS B 215 24.94 7.72 -1.07
CA LYS B 215 25.16 6.36 -0.61
C LYS B 215 26.30 6.40 0.39
N VAL B 216 26.06 5.90 1.60
CA VAL B 216 27.06 5.90 2.66
C VAL B 216 27.08 4.53 3.33
N ASP B 217 28.27 3.94 3.43
CA ASP B 217 28.49 2.75 4.23
C ASP B 217 29.27 3.17 5.47
N LYS B 218 28.75 2.85 6.64
CA LYS B 218 29.42 3.18 7.91
C LYS B 218 29.67 1.90 8.69
N ARG B 219 30.94 1.53 8.85
CA ARG B 219 31.28 0.41 9.72
C ARG B 219 31.21 0.85 11.18
N VAL B 220 30.53 0.06 12.01
CA VAL B 220 30.32 0.38 13.41
C VAL B 220 31.19 -0.55 14.25
N GLU B 221 32.06 0.04 15.06
CA GLU B 221 33.03 -0.72 15.82
C GLU B 221 32.84 -0.45 17.31
N PRO B 222 33.23 -1.40 18.17
CA PRO B 222 33.11 -1.17 19.62
C PRO B 222 33.91 0.04 20.09
N LYS B 223 33.48 0.57 21.25
CA LYS B 223 34.10 1.62 22.08
C LYS B 223 33.15 2.80 22.20
N ASP C 1 -18.04 7.13 -5.39
CA ASP C 1 -19.44 7.33 -5.06
C ASP C 1 -20.01 6.30 -4.07
N ILE C 2 -19.70 5.01 -4.26
CA ILE C 2 -20.12 4.01 -3.30
C ILE C 2 -19.30 4.19 -2.02
N LYS C 3 -19.99 4.37 -0.89
CA LYS C 3 -19.34 4.57 0.39
C LYS C 3 -19.04 3.23 1.06
N MET C 4 -17.84 3.12 1.63
CA MET C 4 -17.39 1.90 2.32
C MET C 4 -17.04 2.27 3.75
N THR C 5 -17.70 1.62 4.72
CA THR C 5 -17.49 1.89 6.13
C THR C 5 -16.99 0.61 6.80
N GLN C 6 -15.82 0.69 7.42
CA GLN C 6 -15.23 -0.43 8.15
C GLN C 6 -15.44 -0.27 9.64
N SER C 7 -15.50 -1.40 10.35
CA SER C 7 -15.69 -1.43 11.78
C SER C 7 -14.85 -2.57 12.34
N PRO C 8 -14.14 -2.36 13.46
CA PRO C 8 -13.97 -1.06 14.12
C PRO C 8 -12.87 -0.25 13.45
N SER C 9 -12.71 1.02 13.84
CA SER C 9 -11.57 1.80 13.36
C SER C 9 -10.25 1.20 13.84
N SER C 10 -10.25 0.67 15.04
CA SER C 10 -9.05 0.08 15.64
C SER C 10 -9.49 -0.89 16.71
N MET C 11 -8.59 -1.81 17.05
CA MET C 11 -8.91 -2.78 18.08
C MET C 11 -7.62 -3.41 18.57
N TYR C 12 -7.66 -3.85 19.82
CA TYR C 12 -6.61 -4.67 20.42
C TYR C 12 -7.09 -6.11 20.46
N ALA C 13 -6.19 -7.05 20.16
CA ALA C 13 -6.54 -8.46 20.25
C ALA C 13 -5.32 -9.24 20.71
N SER C 14 -5.58 -10.39 21.33
CA SER C 14 -4.51 -11.23 21.87
C SER C 14 -4.19 -12.39 20.92
N LEU C 15 -2.98 -12.93 21.10
CA LEU C 15 -2.58 -14.11 20.36
C LEU C 15 -3.60 -15.23 20.53
N GLY C 16 -4.03 -15.81 19.42
CA GLY C 16 -4.99 -16.89 19.46
C GLY C 16 -6.45 -16.48 19.54
N GLU C 17 -6.74 -15.19 19.57
CA GLU C 17 -8.14 -14.74 19.56
C GLU C 17 -8.74 -14.92 18.16
N ARG C 18 -10.06 -15.08 18.13
CA ARG C 18 -10.81 -15.10 16.88
C ARG C 18 -11.35 -13.70 16.62
N VAL C 19 -10.89 -13.07 15.54
CA VAL C 19 -11.16 -11.67 15.27
C VAL C 19 -11.93 -11.52 13.97
N THR C 20 -12.97 -10.69 14.01
CA THR C 20 -13.76 -10.38 12.83
C THR C 20 -13.84 -8.86 12.68
N ILE C 21 -13.57 -8.38 11.47
CA ILE C 21 -13.78 -6.99 11.13
C ILE C 21 -14.78 -6.93 9.98
N THR C 22 -15.54 -5.85 9.93
CA THR C 22 -16.66 -5.76 9.00
C THR C 22 -16.47 -4.58 8.05
N CYS C 23 -17.14 -4.69 6.91
CA CYS C 23 -17.17 -3.65 5.89
C CYS C 23 -18.57 -3.61 5.32
N LYS C 24 -19.19 -2.43 5.29
CA LYS C 24 -20.51 -2.28 4.70
C LYS C 24 -20.47 -1.26 3.58
N ALA C 25 -21.06 -1.61 2.44
CA ALA C 25 -21.14 -0.74 1.28
C ALA C 25 -22.50 -0.04 1.24
N SER C 26 -22.51 1.17 0.67
CA SER C 26 -23.77 1.91 0.53
C SER C 26 -24.64 1.39 -0.60
N GLN C 27 -24.12 0.49 -1.44
CA GLN C 27 -24.88 -0.19 -2.48
C GLN C 27 -24.53 -1.67 -2.46
N ASP C 28 -25.31 -2.47 -3.19
CA ASP C 28 -24.96 -3.85 -3.48
C ASP C 28 -23.75 -3.86 -4.40
N ILE C 29 -22.65 -4.48 -3.98
CA ILE C 29 -21.43 -4.52 -4.79
C ILE C 29 -21.18 -5.92 -5.35
N ASN C 30 -22.17 -6.81 -5.29
CA ASN C 30 -22.17 -8.06 -6.04
C ASN C 30 -20.99 -8.95 -5.67
N SER C 31 -20.59 -8.90 -4.40
CA SER C 31 -19.51 -9.69 -3.82
C SER C 31 -18.13 -9.35 -4.40
N TYR C 32 -17.99 -8.21 -5.10
CA TYR C 32 -16.67 -7.75 -5.56
C TYR C 32 -16.04 -6.88 -4.46
N LEU C 33 -15.65 -7.56 -3.40
CA LEU C 33 -15.05 -6.97 -2.22
C LEU C 33 -13.71 -7.65 -2.01
N SER C 34 -12.65 -6.85 -1.88
CA SER C 34 -11.34 -7.41 -1.62
C SER C 34 -10.79 -6.83 -0.32
N TRP C 35 -9.96 -7.64 0.38
CA TRP C 35 -9.33 -7.24 1.63
C TRP C 35 -7.82 -7.21 1.49
N PHE C 36 -7.20 -6.18 2.07
CA PHE C 36 -5.75 -6.01 2.05
C PHE C 36 -5.23 -5.80 3.46
N GLN C 37 -4.01 -6.26 3.69
CA GLN C 37 -3.27 -5.99 4.92
C GLN C 37 -2.11 -5.06 4.60
N GLN C 38 -1.89 -4.06 5.45
CA GLN C 38 -0.75 -3.17 5.26
C GLN C 38 -0.08 -2.89 6.59
N LYS C 39 1.23 -3.01 6.61
CA LYS C 39 2.07 -2.65 7.73
C LYS C 39 2.85 -1.39 7.41
N PRO C 40 3.22 -0.59 8.42
CA PRO C 40 3.93 0.67 8.16
C PRO C 40 5.15 0.48 7.27
N GLY C 41 5.31 1.38 6.31
CA GLY C 41 6.44 1.33 5.43
C GLY C 41 6.40 0.29 4.34
N LYS C 42 5.38 -0.57 4.30
CA LYS C 42 5.29 -1.55 3.23
C LYS C 42 4.01 -1.32 2.41
N SER C 43 4.02 -1.86 1.18
CA SER C 43 2.88 -1.71 0.31
C SER C 43 1.75 -2.64 0.76
N PRO C 44 0.51 -2.37 0.37
CA PRO C 44 -0.57 -3.29 0.74
C PRO C 44 -0.32 -4.68 0.18
N LYS C 45 -0.98 -5.67 0.78
CA LYS C 45 -0.87 -7.06 0.39
C LYS C 45 -2.29 -7.62 0.28
N THR C 46 -2.64 -8.11 -0.91
CA THR C 46 -3.98 -8.63 -1.13
C THR C 46 -4.17 -9.94 -0.40
N LEU C 47 -5.21 -10.03 0.44
CA LEU C 47 -5.50 -11.24 1.20
C LEU C 47 -6.67 -12.03 0.63
N ILE C 48 -7.78 -11.36 0.34
CA ILE C 48 -9.04 -11.98 -0.05
C ILE C 48 -9.65 -11.17 -1.20
N TYR C 49 -10.24 -11.86 -2.17
CA TYR C 49 -10.94 -11.20 -3.26
C TYR C 49 -12.25 -11.91 -3.52
N ARG C 50 -13.16 -11.23 -4.25
CA ARG C 50 -14.49 -11.77 -4.53
C ARG C 50 -15.18 -12.21 -3.24
N ALA C 51 -14.85 -11.50 -2.16
CA ALA C 51 -15.44 -11.54 -0.82
C ALA C 51 -15.08 -12.77 0.01
N ASN C 52 -14.74 -13.90 -0.64
CA ASN C 52 -14.50 -15.10 0.15
C ASN C 52 -13.36 -15.96 -0.39
N ARG C 53 -12.61 -15.47 -1.38
CA ARG C 53 -11.56 -16.24 -2.03
C ARG C 53 -10.21 -15.81 -1.48
N LEU C 54 -9.46 -16.77 -0.98
CA LEU C 54 -8.14 -16.50 -0.43
C LEU C 54 -7.11 -16.46 -1.55
N VAL C 55 -6.30 -15.40 -1.57
CA VAL C 55 -5.13 -15.38 -2.43
C VAL C 55 -4.20 -16.52 -2.03
N ASP C 56 -3.64 -17.21 -3.04
CA ASP C 56 -2.79 -18.36 -2.73
C ASP C 56 -1.59 -17.93 -1.91
N GLY C 57 -1.25 -18.74 -0.91
CA GLY C 57 -0.23 -18.39 0.04
C GLY C 57 -0.74 -17.69 1.30
N VAL C 58 -1.95 -17.16 1.27
CA VAL C 58 -2.52 -16.55 2.48
C VAL C 58 -2.89 -17.66 3.46
N PRO C 59 -2.53 -17.55 4.74
CA PRO C 59 -2.79 -18.64 5.69
C PRO C 59 -4.28 -18.91 5.85
N SER C 60 -4.60 -20.18 6.10
CA SER C 60 -6.00 -20.62 6.16
C SER C 60 -6.77 -20.05 7.34
N ARG C 61 -6.08 -19.50 8.35
CA ARG C 61 -6.81 -18.86 9.44
C ARG C 61 -7.58 -17.63 8.97
N PHE C 62 -7.20 -17.04 7.83
CA PHE C 62 -7.96 -15.96 7.23
C PHE C 62 -9.15 -16.50 6.45
N SER C 63 -10.29 -15.86 6.61
CA SER C 63 -11.46 -16.16 5.80
C SER C 63 -12.26 -14.88 5.60
N GLY C 64 -13.08 -14.88 4.55
CA GLY C 64 -13.96 -13.76 4.27
C GLY C 64 -15.35 -14.24 3.92
N SER C 65 -16.33 -13.39 4.17
CA SER C 65 -17.73 -13.74 3.92
C SER C 65 -18.52 -12.48 3.60
N GLY C 66 -19.69 -12.68 3.03
CA GLY C 66 -20.64 -11.60 2.83
C GLY C 66 -21.23 -11.60 1.44
N SER C 67 -22.25 -10.77 1.29
CA SER C 67 -22.96 -10.57 0.03
C SER C 67 -23.71 -9.25 0.14
N GLY C 68 -24.26 -8.80 -0.99
CA GLY C 68 -24.97 -7.54 -1.03
C GLY C 68 -24.10 -6.39 -0.56
N GLN C 69 -24.41 -5.87 0.64
CA GLN C 69 -23.72 -4.74 1.23
C GLN C 69 -22.83 -5.08 2.42
N ASP C 70 -22.98 -6.27 3.01
CA ASP C 70 -22.34 -6.60 4.29
C ASP C 70 -21.24 -7.64 4.08
N TYR C 71 -20.03 -7.31 4.52
CA TYR C 71 -18.88 -8.17 4.33
C TYR C 71 -18.06 -8.20 5.61
N SER C 72 -17.36 -9.31 5.81
CA SER C 72 -16.50 -9.47 6.97
C SER C 72 -15.25 -10.23 6.56
N LEU C 73 -14.22 -10.06 7.37
CA LEU C 73 -12.99 -10.84 7.33
C LEU C 73 -12.76 -11.38 8.73
N THR C 74 -12.40 -12.65 8.83
CA THR C 74 -12.21 -13.29 10.12
C THR C 74 -10.84 -13.96 10.17
N ILE C 75 -10.14 -13.76 11.28
CA ILE C 75 -8.93 -14.50 11.59
C ILE C 75 -9.27 -15.47 12.72
N SER C 76 -9.17 -16.78 12.44
CA SER C 76 -9.69 -17.76 13.38
C SER C 76 -8.82 -17.91 14.62
N SER C 77 -7.53 -17.58 14.54
CA SER C 77 -6.65 -17.56 15.71
C SER C 77 -5.51 -16.61 15.41
N LEU C 78 -5.50 -15.47 16.10
CA LEU C 78 -4.61 -14.38 15.73
C LEU C 78 -3.16 -14.76 15.95
N GLU C 79 -2.31 -14.43 14.99
CA GLU C 79 -0.87 -14.54 15.14
C GLU C 79 -0.26 -13.15 15.18
N TYR C 80 0.96 -13.07 15.72
CA TYR C 80 1.64 -11.78 15.80
C TYR C 80 1.86 -11.15 14.42
N GLU C 81 2.10 -11.97 13.39
CA GLU C 81 2.31 -11.40 12.07
C GLU C 81 1.05 -10.76 11.50
N ASP C 82 -0.11 -11.00 12.09
CA ASP C 82 -1.37 -10.50 11.58
C ASP C 82 -1.63 -9.03 11.95
N MET C 83 -0.75 -8.39 12.72
CA MET C 83 -0.93 -6.97 13.00
C MET C 83 -0.83 -6.15 11.71
N GLY C 84 -1.42 -4.96 11.74
CA GLY C 84 -1.40 -4.07 10.61
C GLY C 84 -2.72 -3.35 10.45
N ILE C 85 -2.86 -2.64 9.33
CA ILE C 85 -4.11 -2.01 8.94
C ILE C 85 -4.76 -2.86 7.84
N TYR C 86 -6.05 -3.12 7.98
CA TYR C 86 -6.81 -3.88 7.00
C TYR C 86 -7.76 -2.94 6.29
N TYR C 87 -7.80 -3.03 4.96
CA TYR C 87 -8.66 -2.21 4.12
C TYR C 87 -9.58 -3.10 3.31
N CYS C 88 -10.85 -2.73 3.19
CA CYS C 88 -11.70 -3.35 2.19
C CYS C 88 -11.78 -2.46 0.95
N LEU C 89 -12.18 -3.07 -0.16
CA LEU C 89 -12.24 -2.36 -1.44
C LEU C 89 -13.36 -2.99 -2.27
N GLN C 90 -14.31 -2.16 -2.73
CA GLN C 90 -15.25 -2.61 -3.74
C GLN C 90 -14.68 -2.28 -5.10
N TYR C 91 -14.73 -3.24 -6.00
CA TYR C 91 -14.29 -3.05 -7.37
C TYR C 91 -15.41 -3.49 -8.31
N ASP C 92 -16.66 -3.25 -7.87
CA ASP C 92 -17.85 -3.58 -8.64
C ASP C 92 -18.13 -2.55 -9.74
N GLU C 93 -17.93 -1.28 -9.44
CA GLU C 93 -18.08 -0.23 -10.44
C GLU C 93 -17.13 0.91 -10.14
N PHE C 94 -16.91 1.75 -11.16
CA PHE C 94 -16.06 2.93 -11.05
C PHE C 94 -16.82 4.06 -10.34
N PRO C 95 -16.13 4.85 -9.50
CA PRO C 95 -14.73 4.62 -9.11
C PRO C 95 -14.62 3.57 -8.03
N TYR C 96 -13.56 2.75 -8.05
CA TYR C 96 -13.30 1.87 -6.92
C TYR C 96 -13.23 2.73 -5.65
N THR C 97 -13.75 2.19 -4.55
CA THR C 97 -13.68 2.88 -3.27
C THR C 97 -13.19 1.95 -2.17
N PHE C 98 -12.28 2.44 -1.35
CA PHE C 98 -11.75 1.74 -0.19
C PHE C 98 -12.49 2.13 1.07
N GLY C 99 -12.56 1.20 2.02
CA GLY C 99 -12.94 1.56 3.37
C GLY C 99 -11.84 2.37 4.05
N GLY C 100 -12.20 2.96 5.19
CA GLY C 100 -11.25 3.74 5.96
C GLY C 100 -10.19 2.94 6.70
N GLY C 101 -10.32 1.62 6.75
CA GLY C 101 -9.30 0.81 7.37
C GLY C 101 -9.61 0.43 8.81
N THR C 102 -9.06 -0.72 9.23
CA THR C 102 -9.15 -1.19 10.61
C THR C 102 -7.75 -1.42 11.13
N LYS C 103 -7.36 -0.67 12.17
CA LYS C 103 -6.05 -0.84 12.79
C LYS C 103 -6.11 -1.98 13.80
N LEU C 104 -5.33 -3.04 13.54
CA LEU C 104 -5.31 -4.22 14.40
C LEU C 104 -3.99 -4.20 15.17
N GLU C 105 -4.07 -3.97 16.48
CA GLU C 105 -2.92 -3.95 17.37
C GLU C 105 -2.99 -5.15 18.32
N ILE C 106 -1.84 -5.73 18.62
CA ILE C 106 -1.76 -6.96 19.39
C ILE C 106 -1.53 -6.64 20.86
N LYS C 107 -2.29 -7.28 21.73
CA LYS C 107 -2.06 -7.21 23.16
C LYS C 107 -1.34 -8.49 23.58
N ARG C 108 -0.31 -8.33 24.43
CA ARG C 108 0.51 -9.45 24.90
C ARG C 108 0.89 -9.16 26.34
N THR C 109 1.67 -10.08 26.93
CA THR C 109 2.10 -9.90 28.31
C THR C 109 3.05 -8.71 28.44
N VAL C 110 3.15 -8.19 29.66
CA VAL C 110 4.05 -7.08 29.93
C VAL C 110 5.49 -7.54 29.72
N ALA C 111 6.30 -6.67 29.10
CA ALA C 111 7.70 -6.94 28.85
C ALA C 111 8.48 -5.66 29.13
N ALA C 112 9.40 -5.73 30.09
CA ALA C 112 10.23 -4.58 30.42
C ALA C 112 11.20 -4.27 29.29
N PRO C 113 11.57 -3.01 29.11
CA PRO C 113 12.57 -2.66 28.09
C PRO C 113 13.97 -3.04 28.55
N SER C 114 14.79 -3.44 27.59
CA SER C 114 16.23 -3.42 27.75
C SER C 114 16.71 -2.01 27.37
N VAL C 115 17.45 -1.38 28.29
CA VAL C 115 17.80 0.03 28.18
C VAL C 115 19.29 0.15 27.88
N PHE C 116 19.62 0.91 26.84
CA PHE C 116 20.98 1.13 26.40
C PHE C 116 21.22 2.61 26.21
N ILE C 117 22.48 3.03 26.36
CA ILE C 117 22.87 4.40 26.07
C ILE C 117 24.11 4.38 25.17
N PHE C 118 24.16 5.32 24.24
CA PHE C 118 25.28 5.46 23.31
C PHE C 118 25.85 6.87 23.44
N PRO C 119 27.12 7.02 23.78
CA PRO C 119 27.74 8.34 23.75
C PRO C 119 27.84 8.86 22.33
N PRO C 120 28.01 10.17 22.15
CA PRO C 120 28.22 10.69 20.79
C PRO C 120 29.50 10.14 20.21
N SER C 121 29.51 9.93 18.89
CA SER C 121 30.72 9.45 18.24
C SER C 121 31.75 10.55 18.16
N ASP C 122 33.03 10.16 18.13
CA ASP C 122 34.09 11.13 17.94
C ASP C 122 33.93 11.88 16.62
N GLU C 123 33.43 11.19 15.59
CA GLU C 123 33.24 11.82 14.29
C GLU C 123 32.22 12.94 14.36
N GLN C 124 31.09 12.68 15.02
CA GLN C 124 30.11 13.75 15.15
C GLN C 124 30.66 14.91 15.98
N LEU C 125 31.40 14.60 17.05
CA LEU C 125 31.91 15.65 17.93
C LEU C 125 32.79 16.64 17.18
N LYS C 126 33.66 16.15 16.30
CA LYS C 126 34.51 17.07 15.56
C LYS C 126 33.75 17.90 14.55
N SER C 127 32.48 17.60 14.30
CA SER C 127 31.61 18.49 13.52
C SER C 127 30.93 19.56 14.37
N GLY C 128 31.09 19.51 15.69
CA GLY C 128 30.55 20.54 16.58
C GLY C 128 29.29 20.16 17.32
N THR C 129 28.78 18.95 17.13
CA THR C 129 27.52 18.52 17.71
C THR C 129 27.72 17.23 18.49
N ALA C 130 26.92 17.06 19.54
CA ALA C 130 26.92 15.83 20.34
C ALA C 130 25.49 15.31 20.46
N SER C 131 25.25 14.12 19.90
CA SER C 131 23.97 13.43 20.02
C SER C 131 24.16 12.23 20.94
N VAL C 132 23.37 12.16 22.00
CA VAL C 132 23.39 11.05 22.95
C VAL C 132 22.08 10.30 22.78
N VAL C 133 22.17 8.98 22.57
CA VAL C 133 21.00 8.17 22.24
C VAL C 133 20.75 7.20 23.38
N CYS C 134 19.53 7.23 23.90
CA CYS C 134 19.01 6.25 24.84
C CYS C 134 18.04 5.36 24.07
N LEU C 135 18.25 4.05 24.16
CA LEU C 135 17.44 3.09 23.41
C LEU C 135 16.69 2.19 24.39
N LEU C 136 15.38 2.11 24.21
CA LEU C 136 14.52 1.20 24.97
C LEU C 136 14.06 0.11 24.01
N ASN C 137 14.54 -1.11 24.22
CA ASN C 137 14.34 -2.18 23.25
C ASN C 137 13.28 -3.16 23.71
N ASN C 138 12.31 -3.43 22.82
CA ASN C 138 11.42 -4.58 22.88
C ASN C 138 10.66 -4.66 24.20
N PHE C 139 9.79 -3.66 24.40
CA PHE C 139 8.97 -3.61 25.59
C PHE C 139 7.47 -3.64 25.23
N TYR C 140 6.66 -3.92 26.25
CA TYR C 140 5.21 -3.86 26.12
C TYR C 140 4.64 -3.66 27.50
N PRO C 141 3.66 -2.75 27.68
CA PRO C 141 3.00 -1.98 26.62
C PRO C 141 3.77 -0.75 26.12
N ARG C 142 3.15 -0.07 25.16
CA ARG C 142 3.82 0.96 24.39
C ARG C 142 4.25 2.15 25.25
N GLU C 143 3.55 2.40 26.35
CA GLU C 143 3.82 3.58 27.16
C GLU C 143 5.13 3.43 27.93
N ALA C 144 6.01 4.42 27.80
CA ALA C 144 7.27 4.43 28.52
C ALA C 144 7.69 5.88 28.76
N LYS C 145 8.39 6.10 29.87
CA LYS C 145 8.76 7.43 30.32
C LYS C 145 10.27 7.52 30.40
N VAL C 146 10.86 8.46 29.65
CA VAL C 146 12.30 8.65 29.60
C VAL C 146 12.62 10.05 30.07
N GLN C 147 13.58 10.17 30.98
CA GLN C 147 14.07 11.47 31.42
C GLN C 147 15.58 11.52 31.33
N TRP C 148 16.10 12.61 30.79
CA TRP C 148 17.54 12.81 30.64
C TRP C 148 18.09 13.57 31.83
N LYS C 149 19.23 13.11 32.35
CA LYS C 149 19.90 13.81 33.45
C LYS C 149 21.36 14.03 33.09
N VAL C 150 21.81 15.27 33.19
CA VAL C 150 23.17 15.67 32.85
C VAL C 150 23.80 16.25 34.11
N ASP C 151 24.78 15.54 34.67
CA ASP C 151 25.34 15.88 35.98
C ASP C 151 24.23 16.01 37.02
N ASN C 152 23.27 15.08 36.97
CA ASN C 152 22.10 14.98 37.83
C ASN C 152 21.08 16.09 37.60
N ALA C 153 21.30 17.00 36.66
CA ALA C 153 20.32 18.02 36.32
C ALA C 153 19.35 17.49 35.26
N LEU C 154 18.05 17.53 35.58
CA LEU C 154 17.04 17.04 34.65
C LEU C 154 16.94 17.95 33.44
N GLN C 155 16.92 17.36 32.25
CA GLN C 155 16.91 18.10 30.99
C GLN C 155 15.49 18.27 30.46
N SER C 156 15.27 19.39 29.77
CA SER C 156 14.05 19.56 29.00
C SER C 156 14.37 20.39 27.76
N GLY C 157 13.67 20.08 26.67
CA GLY C 157 13.72 20.91 25.48
C GLY C 157 14.87 20.63 24.54
N ASN C 158 15.64 19.57 24.75
CA ASN C 158 16.79 19.28 23.90
C ASN C 158 16.84 17.81 23.49
N SER C 159 15.71 17.11 23.53
CA SER C 159 15.66 15.71 23.15
C SER C 159 14.49 15.46 22.21
N GLN C 160 14.61 14.38 21.44
CA GLN C 160 13.56 13.94 20.53
C GLN C 160 13.40 12.44 20.67
N GLU C 161 12.15 11.99 20.67
CA GLU C 161 11.78 10.59 20.82
C GLU C 161 11.21 10.05 19.52
N SER C 162 11.44 8.76 19.28
CA SER C 162 10.77 8.04 18.20
C SER C 162 10.46 6.62 18.67
N VAL C 163 9.28 6.12 18.30
CA VAL C 163 8.81 4.79 18.69
C VAL C 163 8.61 3.94 17.43
N THR C 164 9.10 2.70 17.47
CA THR C 164 8.86 1.81 16.33
C THR C 164 7.39 1.43 16.23
N GLU C 165 7.00 0.98 15.04
CA GLU C 165 5.74 0.26 14.91
C GLU C 165 5.84 -1.06 15.67
N GLN C 166 4.68 -1.61 16.02
CA GLN C 166 4.67 -2.86 16.75
C GLN C 166 5.41 -3.94 15.98
N ASP C 167 6.16 -4.77 16.70
CA ASP C 167 7.01 -5.77 16.08
C ASP C 167 6.21 -7.01 15.69
N SER C 168 6.37 -7.45 14.43
CA SER C 168 5.57 -8.55 13.90
C SER C 168 5.96 -9.92 14.47
N LYS C 169 7.09 -10.03 15.14
CA LYS C 169 7.52 -11.31 15.70
C LYS C 169 7.23 -11.47 17.18
N ASP C 170 7.30 -10.39 17.96
CA ASP C 170 7.06 -10.50 19.40
C ASP C 170 6.08 -9.46 19.93
N SER C 171 5.48 -8.63 19.06
CA SER C 171 4.46 -7.64 19.42
C SER C 171 4.95 -6.63 20.44
N THR C 172 6.26 -6.36 20.46
CA THR C 172 6.80 -5.32 21.33
C THR C 172 7.02 -4.03 20.54
N TYR C 173 7.34 -2.98 21.28
CA TYR C 173 7.76 -1.71 20.71
C TYR C 173 9.17 -1.41 21.19
N SER C 174 9.85 -0.53 20.44
CA SER C 174 11.12 0.02 20.90
C SER C 174 11.06 1.54 20.77
N LEU C 175 11.88 2.20 21.57
CA LEU C 175 11.85 3.66 21.64
C LEU C 175 13.28 4.18 21.63
N SER C 176 13.49 5.26 20.89
CA SER C 176 14.75 5.98 20.94
C SER C 176 14.49 7.37 21.47
N SER C 177 15.35 7.84 22.37
CA SER C 177 15.37 9.23 22.81
C SER C 177 16.77 9.77 22.56
N THR C 178 16.85 10.86 21.81
CA THR C 178 18.12 11.43 21.38
C THR C 178 18.26 12.80 21.99
N LEU C 179 19.27 12.96 22.84
CA LEU C 179 19.62 14.26 23.41
C LEU C 179 20.72 14.88 22.55
N THR C 180 20.50 16.12 22.10
CA THR C 180 21.44 16.79 21.21
C THR C 180 21.92 18.09 21.83
N LEU C 181 23.22 18.20 22.06
CA LEU C 181 23.86 19.39 22.57
C LEU C 181 24.95 19.86 21.61
N SER C 182 25.32 21.13 21.73
CA SER C 182 26.51 21.58 21.07
C SER C 182 27.72 20.88 21.69
N LYS C 183 28.81 20.78 20.91
CA LYS C 183 30.02 20.16 21.43
C LYS C 183 30.52 20.89 22.68
N ALA C 184 30.50 22.23 22.65
CA ALA C 184 30.92 23.01 23.81
C ALA C 184 30.07 22.66 25.03
N ASP C 185 28.74 22.66 24.88
CA ASP C 185 27.87 22.29 25.99
C ASP C 185 28.16 20.87 26.48
N TYR C 186 28.30 19.93 25.55
CA TYR C 186 28.58 18.55 25.93
C TYR C 186 29.84 18.45 26.77
N GLU C 187 30.88 19.19 26.39
CA GLU C 187 32.15 19.12 27.08
C GLU C 187 32.15 19.85 28.42
N LYS C 188 31.12 20.65 28.70
CA LYS C 188 30.99 21.29 30.01
C LYS C 188 30.55 20.32 31.10
N HIS C 189 30.12 19.11 30.75
CA HIS C 189 29.49 18.23 31.72
C HIS C 189 30.10 16.84 31.68
N LYS C 190 29.82 16.09 32.74
CA LYS C 190 30.51 14.85 33.06
C LYS C 190 29.62 13.62 32.91
N VAL C 191 28.51 13.58 33.62
CA VAL C 191 27.68 12.38 33.72
C VAL C 191 26.45 12.57 32.84
N TYR C 192 26.24 11.63 31.92
CA TYR C 192 25.06 11.64 31.04
C TYR C 192 24.24 10.40 31.34
N ALA C 193 23.00 10.60 31.76
CA ALA C 193 22.16 9.49 32.17
C ALA C 193 20.77 9.62 31.56
N CYS C 194 20.16 8.50 31.19
CA CYS C 194 18.75 8.46 30.88
C CYS C 194 18.07 7.54 31.89
N GLU C 195 16.94 7.98 32.42
CA GLU C 195 16.20 7.26 33.45
C GLU C 195 14.86 6.83 32.87
N VAL C 196 14.56 5.54 32.98
CA VAL C 196 13.44 4.92 32.30
C VAL C 196 12.49 4.34 33.34
N THR C 197 11.22 4.64 33.20
CA THR C 197 10.18 3.99 33.98
C THR C 197 9.21 3.32 33.01
N HIS C 198 8.71 2.17 33.41
CA HIS C 198 7.85 1.36 32.55
C HIS C 198 7.14 0.35 33.43
N GLN C 199 5.93 -0.05 33.02
CA GLN C 199 5.13 -0.96 33.83
C GLN C 199 5.89 -2.24 34.14
N GLY C 200 6.71 -2.72 33.19
CA GLY C 200 7.51 -3.91 33.44
C GLY C 200 8.68 -3.74 34.39
N LEU C 201 8.92 -2.53 34.87
CA LEU C 201 10.08 -2.25 35.70
C LEU C 201 9.63 -2.06 37.14
N SER C 202 10.23 -2.82 38.05
CA SER C 202 9.88 -2.69 39.47
C SER C 202 10.23 -1.30 40.01
N SER C 203 11.28 -0.69 39.48
CA SER C 203 11.64 0.68 39.83
C SER C 203 12.43 1.27 38.66
N PRO C 204 12.55 2.60 38.59
CA PRO C 204 13.24 3.21 37.44
C PRO C 204 14.64 2.68 37.26
N VAL C 205 15.03 2.48 36.01
CA VAL C 205 16.38 2.04 35.66
C VAL C 205 17.13 3.21 35.04
N THR C 206 18.42 3.31 35.34
CA THR C 206 19.27 4.38 34.87
C THR C 206 20.44 3.78 34.11
N LYS C 207 20.66 4.26 32.88
CA LYS C 207 21.86 3.97 32.13
C LYS C 207 22.66 5.26 32.03
N SER C 208 23.97 5.18 32.30
CA SER C 208 24.77 6.39 32.31
C SER C 208 26.20 6.09 31.90
N PHE C 209 26.88 7.15 31.47
CA PHE C 209 28.32 7.11 31.25
C PHE C 209 28.93 8.42 31.72
N ASN C 210 30.24 8.40 31.90
CA ASN C 210 31.03 9.60 32.18
C ASN C 210 31.76 10.01 30.91
N ARG C 211 31.63 11.29 30.53
CA ARG C 211 32.18 11.76 29.26
C ARG C 211 33.65 11.40 29.08
N GLY C 212 34.39 11.27 30.17
CA GLY C 212 35.76 10.81 30.04
C GLY C 212 35.87 9.37 29.57
N GLU C 213 35.48 8.43 30.44
CA GLU C 213 35.60 6.96 30.25
C GLU C 213 36.35 6.49 29.01
#